data_7ZHN
#
_entry.id   7ZHN
#
_cell.length_a   171.752
_cell.length_b   39.556
_cell.length_c   49.715
_cell.angle_alpha   90.000
_cell.angle_beta   103.230
_cell.angle_gamma   90.000
#
_symmetry.space_group_name_H-M   'C 1 2 1'
#
loop_
_entity.id
_entity.type
_entity.pdbx_description
1 polymer 'Tau-tubulin kinase 1'
2 non-polymer 'PHOSPHATE ION'
3 non-polymer 1,2-ETHANEDIOL
4 non-polymer "4-(2-amino-5,6,7,8-tetrahydropyrimido[4',5':3,4]cyclohepta[1,2-b]indol-11-yl)-2-methylbut-3-yn-2-ol"
5 water water
#
_entity_poly.entity_id   1
_entity_poly.type   'polypeptide(L)'
_entity_poly.pdbx_seq_one_letter_code
;MNMSGGGEQADILPANYVVKDRWKVLKKIGGGGFGEIYEAMDLLTRENVALKVESAQQPKQVLKMEVAVLKKLQGKDHVC
RFIGCGRNEKFNYVVMQLQGRNLADLRRSQPRGTFTLSTTLRLGKQILESIEAIHSVGFLHRDIKPSNFAMGRLPSTYRK
CYMLDFGLARQYTNTTGDVRPPRNVAGFRGTVRYASVNAHKNREMGRHDDLWSLFYMLVEFAVGQLPWRKIKDKEQVGMI
KEKYEHRMLLKHMPSEFHLFLDHIASLDYFTKPDYQLIMSVFENSMKERGIAENEAFDWEKAGTDALLS
;
_entity_poly.pdbx_strand_id   A
#
loop_
_chem_comp.id
_chem_comp.type
_chem_comp.name
_chem_comp.formula
EDO non-polymer 1,2-ETHANEDIOL 'C2 H6 O2'
PO4 non-polymer 'PHOSPHATE ION' 'O4 P -3'
VP7 non-polymer 4-(2-amino-5,6,7,8-tetrahydropyrimido[4',5':3,4]cyclohepta[1,2-b]indol-11-yl)-2-methylbut-3-yn-2-ol 'C20 H20 N4 O'
#
# COMPACT_ATOMS: atom_id res chain seq x y z
N ALA A 10 25.71 -12.09 -1.75
CA ALA A 10 24.61 -12.74 -0.98
C ALA A 10 23.24 -12.44 -1.61
N ASP A 11 23.18 -11.81 -2.79
CA ASP A 11 21.91 -11.62 -3.56
C ASP A 11 21.45 -13.01 -4.04
N ILE A 12 20.14 -13.25 -4.14
CA ILE A 12 19.58 -14.58 -4.55
C ILE A 12 19.90 -14.81 -6.04
N LEU A 13 19.78 -13.79 -6.90
CA LEU A 13 20.08 -13.91 -8.35
C LEU A 13 21.20 -12.95 -8.75
N PRO A 14 22.25 -13.42 -9.43
CA PRO A 14 23.28 -12.55 -10.00
C PRO A 14 22.81 -11.92 -11.33
N ALA A 15 23.39 -10.72 -11.63
CA ALA A 15 23.02 -9.92 -12.82
C ALA A 15 23.22 -10.81 -14.04
N ASN A 16 22.29 -10.72 -15.00
CA ASN A 16 22.29 -11.47 -16.27
C ASN A 16 21.88 -12.91 -16.00
N TYR A 17 21.56 -13.27 -14.76
CA TYR A 17 20.90 -14.57 -14.50
C TYR A 17 19.60 -14.60 -15.32
N VAL A 18 19.31 -15.75 -15.92
CA VAL A 18 18.05 -15.89 -16.72
C VAL A 18 17.10 -16.88 -16.03
N VAL A 19 15.88 -16.44 -15.75
CA VAL A 19 14.81 -17.28 -15.18
C VAL A 19 14.02 -17.93 -16.38
N LYS A 20 13.92 -19.27 -16.34
CA LYS A 20 12.95 -20.12 -17.13
C LYS A 20 13.20 -19.79 -18.67
N ASP A 21 14.49 -19.61 -19.00
CA ASP A 21 14.98 -19.11 -20.33
C ASP A 21 14.24 -17.87 -20.86
N ARG A 22 13.78 -16.93 -20.02
CA ARG A 22 12.91 -15.82 -20.49
C ARG A 22 13.23 -14.50 -19.77
N TRP A 23 13.36 -14.49 -18.45
CA TRP A 23 13.52 -13.23 -17.74
C TRP A 23 14.99 -13.13 -17.28
N LYS A 24 15.61 -11.99 -17.77
CA LYS A 24 17.06 -11.77 -17.58
C LYS A 24 17.28 -10.63 -16.57
N VAL A 25 17.90 -10.95 -15.42
CA VAL A 25 18.11 -9.99 -14.30
C VAL A 25 18.98 -8.84 -14.79
N LEU A 26 18.51 -7.61 -14.61
CA LEU A 26 19.25 -6.37 -14.94
C LEU A 26 19.86 -5.78 -13.67
N LYS A 27 19.07 -5.66 -12.59
CA LYS A 27 19.59 -5.13 -11.31
C LYS A 27 18.58 -5.34 -10.17
N LYS A 28 19.09 -5.36 -8.94
CA LYS A 28 18.24 -5.44 -7.75
C LYS A 28 17.61 -4.07 -7.53
N ILE A 29 16.31 -4.02 -7.28
CA ILE A 29 15.58 -2.72 -7.11
C ILE A 29 14.92 -2.68 -5.73
N GLY A 30 14.99 -3.78 -4.96
CA GLY A 30 14.43 -3.82 -3.59
C GLY A 30 14.91 -5.04 -2.83
N GLY A 31 14.98 -4.93 -1.50
CA GLY A 31 15.55 -5.99 -0.66
C GLY A 31 14.97 -5.92 0.74
N GLY A 32 15.06 -7.02 1.49
CA GLY A 32 14.60 -7.13 2.89
C GLY A 32 14.86 -8.51 3.43
N GLY A 33 14.35 -8.80 4.63
CA GLY A 33 14.49 -10.12 5.30
C GLY A 33 13.95 -11.25 4.44
N PHE A 34 12.82 -11.04 3.78
CA PHE A 34 11.90 -12.12 3.30
C PHE A 34 12.01 -12.27 1.77
N GLY A 35 12.87 -11.48 1.13
CA GLY A 35 13.34 -11.74 -0.24
C GLY A 35 13.78 -10.46 -0.94
N GLU A 36 13.83 -10.51 -2.28
CA GLU A 36 14.43 -9.45 -3.12
C GLU A 36 13.59 -9.24 -4.39
N ILE A 37 13.64 -8.01 -4.92
CA ILE A 37 12.92 -7.62 -6.15
C ILE A 37 13.98 -7.14 -7.15
N TYR A 38 13.90 -7.63 -8.38
CA TYR A 38 14.83 -7.30 -9.50
C TYR A 38 14.02 -6.64 -10.63
N GLU A 39 14.63 -5.71 -11.34
CA GLU A 39 14.23 -5.34 -12.71
C GLU A 39 14.87 -6.35 -13.67
N ALA A 40 14.05 -6.97 -14.52
CA ALA A 40 14.48 -7.99 -15.48
C ALA A 40 13.98 -7.60 -16.87
N MET A 41 14.70 -8.04 -17.90
CA MET A 41 14.22 -7.96 -19.31
C MET A 41 13.51 -9.27 -19.73
N ASP A 42 12.28 -9.08 -20.24
CA ASP A 42 11.47 -10.15 -20.82
C ASP A 42 12.03 -10.44 -22.22
N LEU A 43 12.75 -11.52 -22.36
CA LEU A 43 13.35 -11.87 -23.64
C LEU A 43 12.26 -12.27 -24.67
N LEU A 44 10.97 -12.35 -24.24
CA LEU A 44 9.86 -12.64 -25.22
C LEU A 44 9.20 -11.31 -25.61
N THR A 45 8.66 -10.58 -24.63
CA THR A 45 7.79 -9.37 -24.86
C THR A 45 8.61 -7.93 -25.02
N ARG A 46 9.84 -8.04 -24.38
CA ARG A 46 11.00 -7.16 -24.74
C ARG A 46 10.84 -5.93 -23.86
N GLU A 47 9.72 -5.86 -23.11
CA GLU A 47 9.59 -4.91 -21.99
C GLU A 47 10.45 -5.41 -20.82
N ASN A 48 10.64 -4.51 -19.82
CA ASN A 48 11.25 -4.85 -18.52
C ASN A 48 10.10 -5.08 -17.52
N VAL A 49 10.39 -5.92 -16.54
CA VAL A 49 9.39 -6.45 -15.58
C VAL A 49 10.03 -6.41 -14.18
N ALA A 50 9.18 -6.60 -13.19
CA ALA A 50 9.55 -6.79 -11.77
C ALA A 50 9.57 -8.28 -11.47
N LEU A 51 10.71 -8.76 -11.01
CA LEU A 51 10.94 -10.18 -10.67
C LEU A 51 11.23 -10.30 -9.19
N LYS A 52 10.21 -10.72 -8.42
CA LYS A 52 10.31 -10.85 -6.95
C LYS A 52 10.61 -12.30 -6.57
N VAL A 53 11.65 -12.52 -5.78
CA VAL A 53 12.14 -13.89 -5.47
C VAL A 53 12.18 -14.11 -3.95
N GLU A 54 11.98 -15.36 -3.55
CA GLU A 54 12.05 -15.81 -2.14
C GLU A 54 12.94 -17.05 -2.13
N SER A 55 13.92 -17.08 -1.24
CA SER A 55 14.83 -18.25 -1.12
C SER A 55 13.94 -19.48 -0.85
N ALA A 56 14.25 -20.61 -1.50
CA ALA A 56 13.55 -21.90 -1.29
C ALA A 56 13.54 -22.21 0.24
N GLN A 57 14.73 -21.98 0.87
CA GLN A 57 15.13 -22.52 2.22
C GLN A 57 14.54 -21.65 3.33
N GLN A 58 13.92 -20.53 2.97
CA GLN A 58 13.34 -19.55 3.92
C GLN A 58 12.31 -20.23 4.82
N PRO A 59 12.41 -20.04 6.16
CA PRO A 59 11.45 -20.65 7.10
C PRO A 59 10.00 -20.23 6.79
N LYS A 60 9.71 -18.93 6.88
CA LYS A 60 8.38 -18.34 6.56
C LYS A 60 8.28 -18.13 5.03
N GLN A 61 7.51 -18.99 4.37
CA GLN A 61 7.27 -18.96 2.89
C GLN A 61 6.05 -18.07 2.64
N VAL A 62 6.27 -16.82 2.24
CA VAL A 62 5.24 -15.75 2.14
C VAL A 62 4.86 -15.48 0.67
N LEU A 63 5.79 -15.63 -0.27
CA LEU A 63 5.55 -15.33 -1.70
C LEU A 63 4.26 -16.06 -2.19
N LYS A 64 4.07 -17.34 -1.85
CA LYS A 64 2.93 -18.16 -2.34
C LYS A 64 1.61 -17.46 -2.02
N MET A 65 1.51 -16.80 -0.86
CA MET A 65 0.29 -16.04 -0.48
CA MET A 65 0.29 -16.04 -0.48
C MET A 65 0.21 -14.73 -1.31
N GLU A 66 1.34 -14.03 -1.47
CA GLU A 66 1.42 -12.78 -2.28
C GLU A 66 0.92 -13.08 -3.69
N VAL A 67 1.39 -14.18 -4.28
CA VAL A 67 0.96 -14.57 -5.64
C VAL A 67 -0.55 -14.86 -5.61
N ALA A 68 -1.06 -15.53 -4.58
CA ALA A 68 -2.50 -15.90 -4.52
C ALA A 68 -3.32 -14.59 -4.51
N VAL A 69 -2.87 -13.61 -3.74
CA VAL A 69 -3.57 -12.30 -3.61
C VAL A 69 -3.48 -11.55 -4.95
N LEU A 70 -2.30 -11.48 -5.57
CA LEU A 70 -2.10 -10.81 -6.88
C LEU A 70 -2.98 -11.44 -7.97
N LYS A 71 -3.13 -12.75 -7.97
CA LYS A 71 -3.98 -13.42 -8.96
C LYS A 71 -5.45 -13.08 -8.69
N LYS A 72 -5.87 -13.05 -7.43
CA LYS A 72 -7.30 -12.76 -7.11
C LYS A 72 -7.67 -11.35 -7.60
N LEU A 73 -6.69 -10.44 -7.66
CA LEU A 73 -6.92 -8.99 -7.90
C LEU A 73 -6.80 -8.67 -9.38
N GLN A 74 -6.41 -9.64 -10.22
CA GLN A 74 -6.25 -9.38 -11.66
C GLN A 74 -7.60 -8.90 -12.17
N GLY A 75 -7.60 -7.88 -13.03
CA GLY A 75 -8.83 -7.25 -13.54
C GLY A 75 -9.20 -6.00 -12.75
N LYS A 76 -8.71 -5.85 -11.52
CA LYS A 76 -8.89 -4.61 -10.72
C LYS A 76 -7.91 -3.53 -11.18
N ASP A 77 -8.33 -2.27 -11.15
CA ASP A 77 -7.43 -1.11 -11.28
C ASP A 77 -6.47 -1.07 -10.08
N HIS A 78 -5.30 -0.42 -10.23
CA HIS A 78 -4.28 -0.16 -9.18
C HIS A 78 -3.52 -1.43 -8.80
N VAL A 79 -3.51 -2.41 -9.69
CA VAL A 79 -2.93 -3.76 -9.43
C VAL A 79 -1.98 -4.05 -10.59
N CYS A 80 -0.75 -4.43 -10.28
CA CYS A 80 0.24 -4.92 -11.29
C CYS A 80 -0.33 -6.11 -12.04
N ARG A 81 -0.12 -6.15 -13.35
CA ARG A 81 -0.43 -7.33 -14.17
C ARG A 81 0.46 -8.50 -13.74
N PHE A 82 -0.14 -9.68 -13.62
CA PHE A 82 0.57 -10.94 -13.28
C PHE A 82 1.12 -11.51 -14.59
N ILE A 83 2.40 -11.81 -14.61
CA ILE A 83 3.09 -12.30 -15.83
C ILE A 83 3.38 -13.79 -15.65
N GLY A 84 3.91 -14.21 -14.51
CA GLY A 84 4.22 -15.63 -14.31
C GLY A 84 4.65 -15.88 -12.89
N CYS A 85 4.77 -17.15 -12.52
CA CYS A 85 5.41 -17.55 -11.27
C CYS A 85 5.98 -18.94 -11.42
N GLY A 86 6.74 -19.34 -10.42
CA GLY A 86 7.24 -20.71 -10.33
C GLY A 86 8.10 -20.92 -9.10
N ARG A 87 8.70 -22.10 -9.07
CA ARG A 87 9.17 -22.82 -7.88
C ARG A 87 10.30 -23.74 -8.34
N ASN A 88 11.43 -23.77 -7.65
CA ASN A 88 12.59 -24.67 -7.96
C ASN A 88 13.42 -24.80 -6.69
N GLU A 89 14.58 -25.47 -6.77
CA GLU A 89 15.29 -25.98 -5.56
C GLU A 89 15.92 -24.77 -4.81
N LYS A 90 16.23 -23.69 -5.58
CA LYS A 90 16.96 -22.53 -4.98
C LYS A 90 16.00 -21.40 -4.57
N PHE A 91 14.96 -21.12 -5.35
CA PHE A 91 14.08 -19.92 -5.13
C PHE A 91 12.69 -20.11 -5.74
N ASN A 92 11.70 -19.49 -5.07
CA ASN A 92 10.35 -19.20 -5.62
C ASN A 92 10.46 -17.81 -6.29
N TYR A 93 9.60 -17.55 -7.28
CA TYR A 93 9.54 -16.22 -7.96
C TYR A 93 8.10 -15.89 -8.39
N VAL A 94 7.89 -14.59 -8.63
CA VAL A 94 6.69 -14.05 -9.33
C VAL A 94 7.19 -12.95 -10.25
N VAL A 95 6.67 -12.94 -11.46
CA VAL A 95 6.97 -11.88 -12.44
C VAL A 95 5.73 -11.03 -12.53
N MET A 96 5.89 -9.72 -12.46
CA MET A 96 4.76 -8.80 -12.53
C MET A 96 5.17 -7.56 -13.31
N GLN A 97 4.16 -6.78 -13.67
CA GLN A 97 4.31 -5.47 -14.33
C GLN A 97 5.22 -4.57 -13.49
N LEU A 98 6.17 -3.93 -14.15
CA LEU A 98 7.13 -2.99 -13.52
C LEU A 98 6.43 -1.65 -13.35
N GLN A 99 6.54 -1.05 -12.16
CA GLN A 99 5.94 0.28 -11.89
C GLN A 99 7.05 1.29 -11.63
N GLY A 100 6.68 2.55 -11.43
CA GLY A 100 7.66 3.63 -11.32
C GLY A 100 7.81 4.19 -9.92
N ARG A 101 7.71 5.52 -9.81
CA ARG A 101 8.15 6.29 -8.62
C ARG A 101 7.13 6.05 -7.50
N ASN A 102 7.60 5.88 -6.26
CA ASN A 102 6.69 5.62 -5.12
C ASN A 102 6.31 6.96 -4.49
N LEU A 103 5.25 6.98 -3.71
CA LEU A 103 4.65 8.26 -3.25
C LEU A 103 5.54 8.89 -2.17
N ALA A 104 6.27 8.11 -1.40
CA ALA A 104 7.20 8.64 -0.35
C ALA A 104 8.32 9.43 -1.04
N ASP A 105 8.96 8.85 -2.05
CA ASP A 105 10.04 9.53 -2.82
C ASP A 105 9.46 10.79 -3.49
N LEU A 106 8.27 10.69 -4.09
CA LEU A 106 7.65 11.84 -4.79
C LEU A 106 7.32 12.94 -3.77
N ARG A 107 6.89 12.58 -2.56
CA ARG A 107 6.57 13.58 -1.52
C ARG A 107 7.85 14.27 -1.05
N ARG A 108 8.94 13.50 -0.89
CA ARG A 108 10.23 14.07 -0.40
C ARG A 108 10.84 14.99 -1.46
N SER A 109 10.50 14.78 -2.74
CA SER A 109 11.04 15.53 -3.90
C SER A 109 10.36 16.90 -4.02
N GLN A 110 9.20 17.09 -3.38
CA GLN A 110 8.45 18.37 -3.39
C GLN A 110 9.15 19.32 -2.45
N PRO A 111 9.14 20.63 -2.77
CA PRO A 111 9.91 21.63 -2.04
C PRO A 111 9.79 21.62 -0.52
N ARG A 112 8.58 21.49 0.00
CA ARG A 112 8.35 21.54 1.48
C ARG A 112 7.90 20.16 1.94
N GLY A 113 8.18 19.13 1.15
CA GLY A 113 7.72 17.77 1.46
C GLY A 113 6.20 17.68 1.52
N THR A 114 5.47 18.56 0.80
CA THR A 114 3.98 18.62 0.82
C THR A 114 3.43 18.61 -0.61
N PHE A 115 2.37 17.79 -0.79
CA PHE A 115 1.56 17.74 -2.02
C PHE A 115 0.50 18.82 -1.91
N THR A 116 0.04 19.33 -3.04
CA THR A 116 -1.17 20.19 -3.15
C THR A 116 -2.37 19.36 -2.71
N LEU A 117 -3.43 20.03 -2.25
CA LEU A 117 -4.70 19.33 -1.96
C LEU A 117 -5.17 18.57 -3.22
N SER A 118 -5.04 19.17 -4.42
CA SER A 118 -5.48 18.59 -5.74
C SER A 118 -4.77 17.23 -6.06
N THR A 119 -3.46 17.15 -5.87
CA THR A 119 -2.69 15.82 -5.82
C THR A 119 -3.13 14.91 -4.65
N THR A 120 -3.22 15.43 -3.42
CA THR A 120 -3.47 14.59 -2.21
C THR A 120 -4.82 13.90 -2.38
N LEU A 121 -5.89 14.65 -2.67
CA LEU A 121 -7.27 14.14 -2.75
C LEU A 121 -7.38 13.12 -3.90
N ARG A 122 -6.75 13.39 -5.04
CA ARG A 122 -6.84 12.44 -6.18
C ARG A 122 -6.02 11.16 -5.92
N LEU A 123 -4.89 11.23 -5.19
CA LEU A 123 -4.18 9.99 -4.74
C LEU A 123 -5.05 9.22 -3.74
N GLY A 124 -5.63 9.93 -2.78
CA GLY A 124 -6.59 9.38 -1.81
C GLY A 124 -7.66 8.53 -2.47
N LYS A 125 -8.30 9.01 -3.54
CA LYS A 125 -9.36 8.24 -4.25
C LYS A 125 -8.77 6.91 -4.73
N GLN A 126 -7.58 6.96 -5.32
CA GLN A 126 -6.96 5.76 -5.97
C GLN A 126 -6.52 4.78 -4.90
N ILE A 127 -5.93 5.26 -3.80
CA ILE A 127 -5.48 4.37 -2.70
C ILE A 127 -6.72 3.72 -2.07
N LEU A 128 -7.78 4.49 -1.82
CA LEU A 128 -9.03 3.97 -1.22
C LEU A 128 -9.56 2.84 -2.12
N GLU A 129 -9.62 3.06 -3.43
CA GLU A 129 -10.05 2.02 -4.42
C GLU A 129 -9.22 0.74 -4.23
N SER A 130 -7.90 0.86 -4.11
CA SER A 130 -7.00 -0.31 -4.00
CA SER A 130 -6.94 -0.25 -3.94
C SER A 130 -7.26 -1.00 -2.66
N ILE A 131 -7.57 -0.25 -1.61
CA ILE A 131 -7.79 -0.87 -0.28
C ILE A 131 -9.10 -1.66 -0.35
N GLU A 132 -10.17 -1.04 -0.85
CA GLU A 132 -11.47 -1.76 -0.97
C GLU A 132 -11.27 -3.03 -1.81
N ALA A 133 -10.45 -2.96 -2.87
CA ALA A 133 -10.16 -4.09 -3.80
C ALA A 133 -9.54 -5.27 -3.02
N ILE A 134 -8.50 -5.04 -2.22
CA ILE A 134 -7.82 -6.16 -1.52
C ILE A 134 -8.78 -6.70 -0.46
N HIS A 135 -9.56 -5.83 0.17
CA HIS A 135 -10.56 -6.23 1.20
C HIS A 135 -11.64 -7.07 0.52
N SER A 136 -11.93 -6.78 -0.74
CA SER A 136 -13.05 -7.46 -1.46
C SER A 136 -12.68 -8.91 -1.76
N VAL A 137 -11.38 -9.25 -1.84
CA VAL A 137 -10.95 -10.65 -2.08
C VAL A 137 -10.53 -11.29 -0.75
N GLY A 138 -10.85 -10.65 0.38
CA GLY A 138 -10.78 -11.28 1.71
C GLY A 138 -9.44 -11.13 2.41
N PHE A 139 -8.66 -10.12 2.04
CA PHE A 139 -7.31 -9.89 2.58
C PHE A 139 -7.20 -8.47 3.10
N LEU A 140 -6.47 -8.33 4.20
CA LEU A 140 -5.95 -7.06 4.73
C LEU A 140 -4.53 -6.87 4.21
N HIS A 141 -4.17 -5.64 3.85
CA HIS A 141 -2.78 -5.30 3.47
C HIS A 141 -1.90 -5.24 4.72
N ARG A 142 -2.35 -4.46 5.71
CA ARG A 142 -1.71 -4.34 7.05
C ARG A 142 -0.39 -3.55 6.99
N ASP A 143 0.10 -3.09 5.82
CA ASP A 143 1.25 -2.15 5.82
C ASP A 143 1.02 -1.06 4.78
N ILE A 144 -0.12 -0.39 4.86
CA ILE A 144 -0.47 0.74 3.97
C ILE A 144 0.43 1.90 4.35
N LYS A 145 1.24 2.35 3.40
CA LYS A 145 2.23 3.44 3.58
C LYS A 145 2.62 3.97 2.20
N PRO A 146 3.06 5.23 2.12
CA PRO A 146 3.33 5.85 0.83
C PRO A 146 4.31 5.07 -0.07
N SER A 147 5.37 4.48 0.50
CA SER A 147 6.40 3.77 -0.29
C SER A 147 5.83 2.49 -0.93
N ASN A 148 4.64 2.03 -0.50
CA ASN A 148 3.97 0.82 -1.06
C ASN A 148 2.98 1.18 -2.17
N PHE A 149 2.95 2.42 -2.62
CA PHE A 149 2.14 2.87 -3.78
C PHE A 149 3.08 3.53 -4.78
N ALA A 150 3.01 3.12 -6.03
CA ALA A 150 3.91 3.61 -7.10
C ALA A 150 3.09 4.00 -8.31
N MET A 151 3.47 5.11 -8.90
CA MET A 151 2.82 5.67 -10.10
C MET A 151 3.28 4.81 -11.28
N GLY A 152 2.50 4.78 -12.35
CA GLY A 152 2.82 4.04 -13.58
C GLY A 152 4.01 4.62 -14.32
N ARG A 153 4.47 3.93 -15.34
CA ARG A 153 5.64 4.37 -16.15
C ARG A 153 5.38 4.21 -17.67
N LEU A 154 4.12 4.24 -18.08
CA LEU A 154 3.67 4.20 -19.49
C LEU A 154 2.74 5.37 -19.77
N PRO A 155 2.61 5.74 -21.07
CA PRO A 155 1.59 6.69 -21.50
C PRO A 155 0.17 6.33 -21.03
N SER A 156 -0.10 5.02 -20.88
CA SER A 156 -1.43 4.50 -20.49
C SER A 156 -1.58 4.46 -18.96
N THR A 157 -0.53 4.73 -18.19
CA THR A 157 -0.54 4.44 -16.72
C THR A 157 0.14 5.53 -15.88
N TYR A 158 0.67 6.59 -16.47
CA TYR A 158 1.56 7.52 -15.74
C TYR A 158 0.78 8.37 -14.71
N ARG A 159 -0.56 8.36 -14.74
CA ARG A 159 -1.39 9.08 -13.72
CA ARG A 159 -1.40 9.09 -13.74
C ARG A 159 -2.15 8.05 -12.90
N LYS A 160 -1.75 6.78 -13.00
CA LYS A 160 -2.35 5.66 -12.24
C LYS A 160 -1.39 5.25 -11.13
N CYS A 161 -1.99 5.04 -9.97
CA CYS A 161 -1.32 4.69 -8.72
C CYS A 161 -1.51 3.20 -8.44
N TYR A 162 -0.45 2.46 -8.15
CA TYR A 162 -0.49 0.98 -7.95
C TYR A 162 -0.10 0.56 -6.54
N MET A 163 -0.85 -0.40 -5.99
CA MET A 163 -0.63 -0.98 -4.65
CA MET A 163 -0.61 -0.97 -4.65
C MET A 163 0.41 -2.11 -4.75
N LEU A 164 1.49 -2.03 -3.98
CA LEU A 164 2.58 -3.03 -3.96
C LEU A 164 2.66 -3.71 -2.59
N ASP A 165 3.42 -4.80 -2.55
CA ASP A 165 3.95 -5.51 -1.36
C ASP A 165 2.79 -6.06 -0.51
N PHE A 166 2.36 -7.27 -0.85
CA PHE A 166 1.38 -8.05 -0.06
C PHE A 166 2.08 -8.94 0.97
N GLY A 167 3.36 -8.67 1.27
CA GLY A 167 4.21 -9.48 2.14
C GLY A 167 3.69 -9.57 3.58
N LEU A 168 2.95 -8.56 4.06
CA LEU A 168 2.44 -8.59 5.45
C LEU A 168 0.93 -8.85 5.46
N ALA A 169 0.34 -9.22 4.32
CA ALA A 169 -1.13 -9.36 4.16
C ALA A 169 -1.62 -10.55 5.00
N ARG A 170 -2.91 -10.55 5.36
CA ARG A 170 -3.52 -11.70 6.04
C ARG A 170 -4.97 -11.85 5.60
N GLN A 171 -5.36 -13.09 5.36
CA GLN A 171 -6.75 -13.45 5.02
C GLN A 171 -7.59 -13.21 6.27
N TYR A 172 -8.66 -12.41 6.19
CA TYR A 172 -9.54 -12.13 7.37
C TYR A 172 -10.85 -12.93 7.28
N THR A 173 -11.08 -13.63 6.19
CA THR A 173 -12.21 -14.59 6.02
C THR A 173 -11.71 -16.03 6.07
N ASN A 174 -12.63 -16.97 6.35
CA ASN A 174 -12.38 -18.42 6.22
C ASN A 174 -12.58 -18.86 4.77
N THR A 175 -12.52 -20.17 4.55
CA THR A 175 -12.80 -20.89 3.27
C THR A 175 -14.14 -20.42 2.67
N THR A 176 -15.15 -20.15 3.51
CA THR A 176 -16.59 -20.05 3.13
C THR A 176 -17.10 -18.60 3.21
N GLY A 177 -16.20 -17.60 3.27
CA GLY A 177 -16.56 -16.16 3.15
C GLY A 177 -16.85 -15.49 4.49
N ASP A 178 -16.85 -16.25 5.60
CA ASP A 178 -17.14 -15.75 6.98
C ASP A 178 -15.92 -14.97 7.52
N VAL A 179 -16.15 -13.98 8.36
CA VAL A 179 -15.08 -13.28 9.10
C VAL A 179 -14.47 -14.27 10.12
N ARG A 180 -13.14 -14.38 10.12
CA ARG A 180 -12.37 -15.27 11.04
C ARG A 180 -12.41 -14.66 12.44
N PRO A 181 -12.37 -15.49 13.50
CA PRO A 181 -12.15 -14.99 14.85
C PRO A 181 -10.85 -14.21 14.92
N PRO A 182 -10.80 -13.06 15.61
CA PRO A 182 -9.54 -12.38 15.86
C PRO A 182 -8.78 -13.09 16.99
N ARG A 183 -7.47 -13.18 16.86
CA ARG A 183 -6.56 -13.62 17.97
C ARG A 183 -6.63 -12.58 19.11
N ASN A 184 -6.63 -13.01 20.37
CA ASN A 184 -6.72 -12.09 21.54
C ASN A 184 -5.49 -11.16 21.54
N VAL A 185 -4.36 -11.66 21.03
CA VAL A 185 -3.11 -10.86 20.81
C VAL A 185 -2.56 -11.20 19.41
N ALA A 186 -2.17 -10.19 18.65
CA ALA A 186 -1.51 -10.36 17.33
C ALA A 186 -0.36 -9.37 17.21
N GLY A 187 0.86 -9.90 17.16
CA GLY A 187 2.08 -9.07 17.12
C GLY A 187 2.07 -8.19 15.90
N PHE A 188 1.99 -6.89 16.08
CA PHE A 188 2.03 -5.94 14.95
C PHE A 188 3.47 -5.89 14.41
N ARG A 189 3.68 -6.18 13.14
CA ARG A 189 5.05 -6.33 12.58
CA ARG A 189 5.06 -6.31 12.61
C ARG A 189 5.24 -5.35 11.42
N GLY A 190 4.36 -4.36 11.29
CA GLY A 190 4.41 -3.41 10.17
C GLY A 190 5.13 -2.10 10.51
N THR A 191 4.94 -1.07 9.69
CA THR A 191 5.69 0.21 9.77
C THR A 191 5.04 1.09 10.87
N VAL A 192 5.84 1.77 11.67
CA VAL A 192 5.32 2.45 12.90
C VAL A 192 4.49 3.70 12.51
N ARG A 193 4.99 4.52 11.59
CA ARG A 193 4.47 5.92 11.40
C ARG A 193 2.95 5.89 11.13
N TYR A 194 2.44 4.94 10.31
CA TYR A 194 1.03 4.96 9.78
C TYR A 194 0.19 3.81 10.38
N ALA A 195 0.66 3.21 11.49
CA ALA A 195 -0.06 2.17 12.24
C ALA A 195 -1.19 2.78 13.10
N SER A 196 -2.35 2.13 13.08
CA SER A 196 -3.50 2.48 13.96
C SER A 196 -3.14 2.25 15.42
N VAL A 197 -3.93 2.84 16.31
CA VAL A 197 -3.79 2.64 17.77
C VAL A 197 -4.12 1.16 18.08
N ASN A 198 -5.03 0.54 17.32
CA ASN A 198 -5.36 -0.92 17.45
C ASN A 198 -4.11 -1.77 17.21
N ALA A 199 -3.35 -1.45 16.15
CA ALA A 199 -2.12 -2.17 15.79
C ALA A 199 -1.06 -1.97 16.87
N HIS A 200 -0.91 -0.75 17.37
CA HIS A 200 0.01 -0.43 18.48
C HIS A 200 -0.30 -1.31 19.70
N LYS A 201 -1.57 -1.62 19.91
CA LYS A 201 -2.00 -2.41 21.09
C LYS A 201 -1.85 -3.92 20.83
N ASN A 202 -1.30 -4.31 19.69
CA ASN A 202 -1.12 -5.75 19.33
C ASN A 202 -2.48 -6.46 19.34
N ARG A 203 -3.51 -5.78 18.85
CA ARG A 203 -4.85 -6.32 18.61
C ARG A 203 -4.87 -6.87 17.18
N GLU A 204 -5.72 -7.87 16.94
CA GLU A 204 -5.96 -8.35 15.56
C GLU A 204 -6.37 -7.15 14.69
N MET A 205 -5.72 -7.00 13.55
CA MET A 205 -5.99 -5.86 12.65
C MET A 205 -7.23 -6.19 11.84
N GLY A 206 -8.00 -5.15 11.49
CA GLY A 206 -9.18 -5.25 10.63
C GLY A 206 -9.05 -4.35 9.41
N ARG A 207 -10.08 -4.32 8.59
CA ARG A 207 -10.23 -3.45 7.41
C ARG A 207 -10.08 -1.99 7.82
N HIS A 208 -10.56 -1.63 9.02
CA HIS A 208 -10.56 -0.24 9.50
C HIS A 208 -9.10 0.20 9.71
N ASP A 209 -8.21 -0.71 10.09
CA ASP A 209 -6.79 -0.35 10.40
C ASP A 209 -6.08 0.02 9.09
N ASP A 210 -6.44 -0.60 7.97
CA ASP A 210 -5.88 -0.17 6.67
C ASP A 210 -6.35 1.27 6.39
N LEU A 211 -7.58 1.62 6.76
CA LEU A 211 -8.14 2.97 6.46
C LEU A 211 -7.59 4.00 7.44
N TRP A 212 -7.27 3.61 8.67
CA TRP A 212 -6.46 4.47 9.58
C TRP A 212 -5.14 4.84 8.87
N SER A 213 -4.43 3.86 8.31
CA SER A 213 -3.12 4.12 7.65
C SER A 213 -3.33 5.12 6.51
N LEU A 214 -4.40 4.95 5.72
CA LEU A 214 -4.74 5.92 4.67
C LEU A 214 -4.95 7.32 5.26
N PHE A 215 -5.71 7.42 6.35
CA PHE A 215 -5.98 8.71 7.01
C PHE A 215 -4.65 9.40 7.33
N TYR A 216 -3.74 8.73 8.03
CA TYR A 216 -2.46 9.31 8.45
C TYR A 216 -1.61 9.71 7.22
N MET A 217 -1.58 8.85 6.19
CA MET A 217 -0.88 9.17 4.93
C MET A 217 -1.35 10.50 4.35
N LEU A 218 -2.67 10.72 4.27
CA LEU A 218 -3.20 11.91 3.54
C LEU A 218 -2.93 13.18 4.39
N VAL A 219 -2.97 13.10 5.71
CA VAL A 219 -2.59 14.24 6.57
C VAL A 219 -1.11 14.56 6.27
N GLU A 220 -0.26 13.54 6.21
CA GLU A 220 1.17 13.79 5.99
C GLU A 220 1.37 14.42 4.60
N PHE A 221 0.64 13.94 3.60
CA PHE A 221 0.72 14.46 2.22
C PHE A 221 0.40 15.96 2.23
N ALA A 222 -0.72 16.34 2.82
CA ALA A 222 -1.26 17.71 2.73
C ALA A 222 -0.50 18.67 3.65
N VAL A 223 -0.01 18.19 4.79
CA VAL A 223 0.54 19.06 5.88
C VAL A 223 2.06 18.96 5.88
N GLY A 224 2.61 17.86 5.39
CA GLY A 224 4.05 17.67 5.21
C GLY A 224 4.69 16.93 6.37
N GLN A 225 3.91 16.56 7.39
CA GLN A 225 4.46 15.88 8.58
C GLN A 225 3.33 15.27 9.40
N LEU A 226 3.67 14.30 10.25
CA LEU A 226 2.81 13.86 11.39
C LEU A 226 3.49 14.20 12.71
N PRO A 227 2.71 14.40 13.79
CA PRO A 227 3.27 14.93 15.04
C PRO A 227 4.38 14.07 15.65
N TRP A 228 4.39 12.78 15.35
CA TRP A 228 5.30 11.75 15.94
C TRP A 228 6.44 11.38 14.98
N ARG A 229 6.63 12.09 13.86
CA ARG A 229 7.55 11.64 12.78
C ARG A 229 8.99 11.46 13.29
N LYS A 230 9.42 12.23 14.30
CA LYS A 230 10.82 12.21 14.81
C LYS A 230 11.04 11.04 15.78
N ILE A 231 9.98 10.28 16.10
CA ILE A 231 10.03 9.21 17.14
C ILE A 231 9.93 7.85 16.43
N LYS A 232 10.97 7.02 16.52
CA LYS A 232 11.04 5.74 15.77
C LYS A 232 10.54 4.59 16.66
N ASP A 233 10.66 4.70 17.99
CA ASP A 233 10.27 3.64 18.95
C ASP A 233 8.76 3.37 18.86
N LYS A 234 8.38 2.12 18.59
CA LYS A 234 6.97 1.70 18.40
C LYS A 234 6.12 2.03 19.65
N GLU A 235 6.59 1.73 20.85
CA GLU A 235 5.74 1.85 22.09
C GLU A 235 5.47 3.36 22.52
N GLN A 236 6.51 4.18 22.39
CA GLN A 236 6.39 5.70 22.44
C GLN A 236 5.37 6.23 21.39
N VAL A 237 5.47 5.84 20.12
CA VAL A 237 4.58 6.38 19.03
C VAL A 237 3.12 6.01 19.33
N GLY A 238 2.88 4.77 19.73
CA GLY A 238 1.54 4.32 20.14
C GLY A 238 0.98 5.17 21.28
N MET A 239 1.82 5.52 22.27
CA MET A 239 1.39 6.28 23.49
C MET A 239 1.07 7.73 23.08
N ILE A 240 1.86 8.28 22.15
CA ILE A 240 1.59 9.63 21.57
C ILE A 240 0.25 9.60 20.82
N LYS A 241 0.03 8.62 19.92
CA LYS A 241 -1.22 8.53 19.12
C LYS A 241 -2.43 8.36 20.07
N GLU A 242 -2.32 7.56 21.13
CA GLU A 242 -3.47 7.13 21.97
C GLU A 242 -4.12 8.35 22.61
N LYS A 243 -3.32 9.35 22.94
CA LYS A 243 -3.74 10.60 23.58
C LYS A 243 -4.07 11.69 22.54
N TYR A 244 -3.40 11.69 21.37
CA TYR A 244 -3.41 12.82 20.40
C TYR A 244 -4.86 13.14 20.03
N GLU A 245 -5.24 14.42 20.11
CA GLU A 245 -6.58 14.86 19.67
C GLU A 245 -6.55 14.90 18.15
N HIS A 246 -7.13 13.90 17.51
CA HIS A 246 -6.98 13.66 16.06
C HIS A 246 -7.66 14.80 15.26
N ARG A 247 -8.65 15.47 15.82
CA ARG A 247 -9.34 16.63 15.14
C ARG A 247 -8.40 17.88 14.98
N MET A 248 -7.34 17.94 15.80
CA MET A 248 -6.14 18.81 15.60
C MET A 248 -5.42 18.50 14.27
N LEU A 249 -5.36 17.23 13.83
CA LEU A 249 -4.65 16.82 12.58
C LEU A 249 -5.33 17.47 11.38
N LEU A 250 -6.59 17.91 11.56
CA LEU A 250 -7.44 18.31 10.41
C LEU A 250 -7.52 19.86 10.31
N LYS A 251 -6.88 20.56 11.29
CA LYS A 251 -6.86 22.04 11.40
C LYS A 251 -6.71 22.68 10.00
N HIS A 252 -5.78 22.19 9.21
CA HIS A 252 -5.44 22.72 7.85
C HIS A 252 -5.90 21.76 6.75
N MET A 253 -6.81 20.80 7.03
CA MET A 253 -7.37 19.85 6.02
C MET A 253 -8.81 20.26 5.72
N PRO A 254 -9.41 19.79 4.60
CA PRO A 254 -10.81 20.08 4.34
C PRO A 254 -11.65 19.48 5.47
N SER A 255 -12.64 20.24 5.91
CA SER A 255 -13.55 19.89 7.03
C SER A 255 -14.14 18.47 6.80
N GLU A 256 -14.40 18.10 5.50
CA GLU A 256 -15.12 16.86 5.12
C GLU A 256 -14.30 15.61 5.59
N PHE A 257 -13.04 15.85 5.93
CA PHE A 257 -12.20 14.85 6.68
C PHE A 257 -12.76 14.53 8.09
N HIS A 258 -13.58 15.38 8.73
CA HIS A 258 -14.13 15.06 10.09
C HIS A 258 -15.16 13.90 10.04
N LEU A 259 -15.85 13.79 8.88
CA LEU A 259 -16.71 12.61 8.51
C LEU A 259 -15.87 11.31 8.43
N PHE A 260 -14.70 11.36 7.77
CA PHE A 260 -13.75 10.21 7.56
C PHE A 260 -13.26 9.75 8.94
N LEU A 261 -12.74 10.68 9.75
CA LEU A 261 -12.17 10.40 11.10
C LEU A 261 -13.24 9.75 11.98
N ASP A 262 -14.41 10.37 11.99
CA ASP A 262 -15.54 9.96 12.86
C ASP A 262 -15.97 8.56 12.49
N HIS A 263 -15.98 8.25 11.19
CA HIS A 263 -16.43 6.95 10.68
C HIS A 263 -15.41 5.88 11.08
N ILE A 264 -14.13 6.08 10.79
CA ILE A 264 -13.13 5.02 11.06
C ILE A 264 -12.97 4.83 12.59
N ALA A 265 -13.17 5.89 13.39
CA ALA A 265 -13.14 5.81 14.88
C ALA A 265 -14.32 4.97 15.39
N SER A 266 -15.40 4.84 14.62
CA SER A 266 -16.63 4.10 15.01
C SER A 266 -16.45 2.60 14.75
N LEU A 267 -15.49 2.22 13.91
CA LEU A 267 -15.36 0.84 13.38
C LEU A 267 -14.64 -0.05 14.39
N ASP A 268 -14.90 -1.35 14.33
CA ASP A 268 -14.14 -2.37 15.09
C ASP A 268 -13.67 -3.43 14.09
N TYR A 269 -12.99 -4.46 14.58
CA TYR A 269 -12.50 -5.58 13.76
C TYR A 269 -13.62 -6.18 12.88
N PHE A 270 -14.85 -6.27 13.38
CA PHE A 270 -15.92 -7.08 12.73
C PHE A 270 -16.68 -6.28 11.65
N THR A 271 -16.69 -4.95 11.74
CA THR A 271 -17.60 -4.07 10.97
CA THR A 271 -17.62 -4.08 10.96
C THR A 271 -17.01 -3.77 9.60
N LYS A 272 -17.75 -4.04 8.54
CA LYS A 272 -17.36 -3.62 7.18
C LYS A 272 -17.36 -2.10 7.13
N PRO A 273 -16.25 -1.45 6.74
CA PRO A 273 -16.23 0.00 6.54
C PRO A 273 -17.20 0.50 5.46
N ASP A 274 -17.58 1.77 5.58
CA ASP A 274 -18.34 2.50 4.54
C ASP A 274 -17.33 3.13 3.55
N TYR A 275 -16.82 2.37 2.59
CA TYR A 275 -15.89 2.90 1.56
C TYR A 275 -16.58 4.06 0.81
N GLN A 276 -17.87 3.97 0.53
CA GLN A 276 -18.54 5.06 -0.26
C GLN A 276 -18.55 6.38 0.54
N LEU A 277 -18.80 6.33 1.86
CA LEU A 277 -18.69 7.53 2.76
C LEU A 277 -17.32 8.19 2.59
N ILE A 278 -16.24 7.42 2.66
CA ILE A 278 -14.86 7.97 2.56
C ILE A 278 -14.63 8.52 1.15
N MET A 279 -15.08 7.81 0.10
CA MET A 279 -14.90 8.27 -1.30
C MET A 279 -15.55 9.65 -1.45
N SER A 280 -16.74 9.83 -0.85
CA SER A 280 -17.56 11.07 -0.94
C SER A 280 -16.86 12.21 -0.21
N VAL A 281 -16.17 11.92 0.88
CA VAL A 281 -15.29 12.93 1.53
C VAL A 281 -14.31 13.47 0.49
N PHE A 282 -13.56 12.60 -0.20
CA PHE A 282 -12.56 13.05 -1.20
C PHE A 282 -13.30 13.82 -2.33
N GLU A 283 -14.40 13.27 -2.87
CA GLU A 283 -15.08 13.83 -4.07
C GLU A 283 -15.70 15.19 -3.71
N ASN A 284 -16.34 15.31 -2.54
CA ASN A 284 -16.95 16.58 -2.07
C ASN A 284 -15.85 17.61 -1.77
N SER A 285 -14.72 17.19 -1.18
CA SER A 285 -13.55 18.09 -0.95
C SER A 285 -13.07 18.69 -2.30
N MET A 286 -12.98 17.86 -3.35
CA MET A 286 -12.51 18.30 -4.70
C MET A 286 -13.54 19.28 -5.29
N LYS A 287 -14.82 18.90 -5.26
CA LYS A 287 -15.90 19.69 -5.87
C LYS A 287 -15.94 21.08 -5.21
N GLU A 288 -15.89 21.15 -3.87
CA GLU A 288 -15.85 22.42 -3.08
C GLU A 288 -14.80 23.39 -3.66
N ARG A 289 -13.66 22.88 -4.16
CA ARG A 289 -12.43 23.69 -4.42
C ARG A 289 -12.29 23.95 -5.98
N GLY A 290 -13.21 23.31 -6.74
CA GLY A 290 -13.15 23.13 -8.20
C GLY A 290 -11.96 22.30 -8.70
N ILE A 291 -11.44 21.35 -7.91
CA ILE A 291 -10.38 20.41 -8.38
C ILE A 291 -11.07 19.45 -9.38
N ALA A 292 -10.39 19.32 -10.57
CA ALA A 292 -10.79 18.39 -11.65
C ALA A 292 -9.93 17.13 -11.52
N GLU A 293 -10.42 16.00 -12.06
CA GLU A 293 -9.67 14.73 -12.16
C GLU A 293 -8.53 14.85 -13.18
N ASN A 294 -8.69 15.67 -14.22
CA ASN A 294 -7.74 15.75 -15.35
C ASN A 294 -6.55 16.65 -15.01
N GLU A 295 -6.43 17.11 -13.75
CA GLU A 295 -5.38 18.09 -13.34
C GLU A 295 -4.01 17.40 -13.41
N ALA A 296 -2.97 18.17 -13.62
CA ALA A 296 -1.55 17.77 -13.45
C ALA A 296 -1.36 17.28 -12.01
N PHE A 297 -0.63 16.19 -11.79
CA PHE A 297 -0.02 15.89 -10.49
C PHE A 297 1.12 16.90 -10.25
N ASP A 298 1.48 17.11 -8.98
CA ASP A 298 2.52 18.09 -8.59
C ASP A 298 3.83 17.82 -9.33
N TRP A 299 4.21 16.55 -9.51
CA TRP A 299 5.57 16.18 -10.01
C TRP A 299 5.67 16.30 -11.54
N GLU A 300 4.55 16.54 -12.25
CA GLU A 300 4.53 16.80 -13.75
C GLU A 300 4.85 18.26 -14.06
N LYS A 301 5.51 18.49 -15.20
CA LYS A 301 5.84 19.80 -15.82
C LYS A 301 4.64 20.78 -15.80
N ALA A 302 3.42 20.27 -15.97
CA ALA A 302 2.16 21.06 -15.90
C ALA A 302 1.84 21.38 -14.43
P PO4 B . 0.74 -12.71 11.42
O1 PO4 B . -0.37 -11.79 11.90
O2 PO4 B . 2.10 -12.08 11.76
O3 PO4 B . 0.63 -12.90 9.90
O4 PO4 B . 0.64 -14.09 12.10
C1 EDO C . 1.37 -3.94 -18.66
O1 EDO C . 1.55 -5.11 -17.88
C2 EDO C . 2.56 -3.62 -19.48
O2 EDO C . 2.90 -4.70 -20.31
C1 EDO D . -3.77 -6.38 -14.56
O1 EDO D . -4.56 -7.11 -15.48
C2 EDO D . -4.56 -5.36 -13.84
O2 EDO D . -5.45 -5.91 -12.90
C1 EDO E . 7.70 -0.99 -1.64
O1 EDO E . 9.00 -0.69 -1.20
C2 EDO E . 7.46 -0.65 -3.06
O2 EDO E . 8.00 0.61 -3.45
C1 EDO F . -7.42 7.65 18.64
O1 EDO F . -7.49 6.50 17.83
C2 EDO F . -8.39 8.71 18.24
O2 EDO F . -9.37 8.29 17.31
C1 EDO G . -12.76 -8.17 9.18
O1 EDO G . -14.10 -8.09 9.67
C2 EDO G . -11.93 -6.95 9.40
O2 EDO G . -12.61 -5.72 9.25
C1 EDO H . 15.08 -5.15 -27.88
O1 EDO H . 13.87 -5.62 -28.40
C2 EDO H . 16.26 -5.72 -28.54
O2 EDO H . 17.30 -6.06 -27.65
N1 VP7 I . 7.39 -2.25 -9.74
N3 VP7 I . 7.41 -3.57 -7.74
C4 VP7 I . 6.98 -3.28 -8.99
C5 VP7 I . 8.31 -2.74 -7.20
C6 VP7 I . 8.79 -3.06 -5.82
C7 VP7 I . 8.11 -4.06 -4.97
C8 VP7 I . 7.02 -4.92 -5.15
C10 VP7 I . 5.54 -6.69 -4.29
C13 VP7 I . 3.90 -9.68 -5.19
C15 VP7 I . 7.29 -5.72 -2.87
C17 VP7 I . 8.79 -4.07 -3.74
C20 VP7 I . 10.98 -1.05 -6.80
C1 VP7 I . 9.65 -0.54 -7.30
C11 VP7 I . 4.64 -7.46 -4.39
C12 VP7 I . 3.50 -8.40 -4.45
C14 VP7 I . 2.30 -7.73 -5.11
C16 VP7 I . 8.38 -4.89 -2.68
C18 VP7 I . 9.85 -2.55 -5.04
C19 VP7 I . 10.91 -1.54 -5.36
C2 VP7 I . 8.78 -1.61 -7.89
C3 VP7 I . 8.30 -1.46 -9.17
C9 VP7 I . 6.62 -5.76 -4.09
N2 VP7 I . 6.09 -4.11 -9.54
N4 VP7 I . 9.83 -3.16 -3.80
O1 VP7 I . 3.10 -8.77 -3.12
#